data_3S69
#
_entry.id   3S69
#
_cell.length_a   97.234
_cell.length_b   52.208
_cell.length_c   50.103
_cell.angle_alpha   90.00
_cell.angle_beta   96.72
_cell.angle_gamma   90.00
#
_symmetry.space_group_name_H-M   'C 1 2 1'
#
loop_
_entity.id
_entity.type
_entity.pdbx_description
1 polymer 'Thrombin-like enzyme defibrase'
2 non-polymer 'CALCIUM ION'
3 water water
#
_entity_poly.entity_id   1
_entity_poly.type   'polypeptide(L)'
_entity_poly.pdbx_seq_one_letter_code
;VIGGDECNINEHRSLVAFFNSTGFFCSGTLINEEWVLTAAHCDNTNFQMKLGVHSKKVLNEDEQTRNPKEKFICPNKKND
EVLDKDIMLIKLDSRVSNSEHIVPLSLPSSPPSVGSVCHIMGWGSITPIKVTYPDVPYCAYINLLDDAVCQAGYPELLTE
YRTLCAGILEGGKDTCGGDSGGPLICNGQFQGIVSFGAHPCGQGLKPGVYTKVFDYNHWIQSIIAGNTTVTCPQ
;
_entity_poly.pdbx_strand_id   A
#
# COMPACT_ATOMS: atom_id res chain seq x y z
N VAL A 1 3.06 9.66 -5.95
CA VAL A 1 3.48 10.43 -4.75
C VAL A 1 3.83 11.86 -5.16
N ILE A 2 3.20 12.83 -4.50
CA ILE A 2 3.51 14.24 -4.74
C ILE A 2 4.28 14.84 -3.57
N GLY A 3 5.15 15.79 -3.86
CA GLY A 3 5.97 16.46 -2.85
C GLY A 3 7.16 15.65 -2.39
N GLY A 4 7.53 14.64 -3.17
CA GLY A 4 8.67 13.79 -2.83
C GLY A 4 9.82 13.91 -3.81
N ASP A 5 10.64 12.86 -3.85
CA ASP A 5 11.77 12.76 -4.79
C ASP A 5 11.92 11.30 -5.17
N GLU A 6 12.71 11.03 -6.19
CA GLU A 6 12.99 9.66 -6.61
C GLU A 6 13.48 8.83 -5.43
N CYS A 7 12.91 7.63 -5.28
CA CYS A 7 13.43 6.68 -4.30
C CYS A 7 14.81 6.23 -4.76
N ASN A 8 15.70 6.02 -3.80
CA ASN A 8 16.95 5.35 -4.05
C ASN A 8 16.67 3.88 -4.40
N ILE A 9 17.51 3.30 -5.25
CA ILE A 9 17.35 1.91 -5.70
C ILE A 9 17.30 0.90 -4.53
N ASN A 10 17.82 1.30 -3.38
CA ASN A 10 17.85 0.45 -2.17
C ASN A 10 16.74 0.75 -1.17
N GLU A 11 15.87 1.70 -1.51
CA GLU A 11 14.92 2.29 -0.56
C GLU A 11 13.55 1.60 -0.49
N HIS A 12 13.27 0.74 -1.46
CA HIS A 12 11.92 0.20 -1.63
C HIS A 12 11.91 -1.31 -1.90
N ARG A 13 12.66 -2.05 -1.09
CA ARG A 13 12.91 -3.47 -1.35
C ARG A 13 11.70 -4.41 -1.23
N SER A 14 10.68 -3.95 -0.52
N SER A 14 10.66 -3.97 -0.52
CA SER A 14 9.46 -4.73 -0.32
CA SER A 14 9.46 -4.79 -0.37
C SER A 14 8.29 -4.28 -1.20
C SER A 14 8.34 -4.39 -1.32
N LEU A 15 8.57 -3.36 -2.12
CA LEU A 15 7.55 -2.78 -2.99
C LEU A 15 7.29 -3.65 -4.23
N VAL A 16 6.01 -3.97 -4.44
CA VAL A 16 5.58 -4.82 -5.55
C VAL A 16 4.73 -3.99 -6.52
N ALA A 17 4.93 -4.20 -7.82
CA ALA A 17 4.10 -3.54 -8.83
C ALA A 17 3.07 -4.49 -9.41
N PHE A 18 1.83 -4.02 -9.50
CA PHE A 18 0.74 -4.77 -10.13
C PHE A 18 0.54 -4.23 -11.53
N PHE A 19 0.53 -5.12 -12.53
CA PHE A 19 0.41 -4.68 -13.91
C PHE A 19 -0.43 -5.60 -14.78
N ASN A 20 -1.04 -5.01 -15.80
CA ASN A 20 -1.65 -5.74 -16.91
C ASN A 20 -1.02 -5.27 -18.22
N SER A 21 -1.68 -5.54 -19.35
CA SER A 21 -1.14 -5.16 -20.66
C SER A 21 -1.02 -3.64 -20.86
N THR A 22 -1.85 -2.88 -20.16
CA THR A 22 -1.85 -1.42 -20.25
C THR A 22 -0.70 -0.79 -19.46
N GLY A 23 -0.31 -1.44 -18.36
CA GLY A 23 0.78 -0.96 -17.52
C GLY A 23 0.51 -1.15 -16.03
N PHE A 24 1.29 -0.44 -15.20
CA PHE A 24 1.14 -0.48 -13.75
C PHE A 24 -0.18 0.13 -13.32
N PHE A 25 -0.88 -0.50 -12.38
CA PHE A 25 -2.14 0.05 -11.87
C PHE A 25 -2.27 0.09 -10.34
N CYS A 26 -1.37 -0.60 -9.65
CA CYS A 26 -1.37 -0.67 -8.19
C CYS A 26 0.00 -1.09 -7.65
N SER A 27 0.17 -0.93 -6.35
CA SER A 27 1.32 -1.46 -5.63
C SER A 27 0.88 -2.50 -4.61
N GLY A 28 1.86 -3.17 -4.01
CA GLY A 28 1.63 -4.07 -2.90
C GLY A 28 2.92 -4.18 -2.10
N THR A 29 2.85 -4.92 -1.00
CA THR A 29 4.00 -5.10 -0.13
C THR A 29 4.27 -6.59 0.07
N LEU A 30 5.52 -6.98 -0.15
CA LEU A 30 5.95 -8.34 0.10
C LEU A 30 6.11 -8.56 1.61
N ILE A 31 5.34 -9.49 2.17
CA ILE A 31 5.38 -9.73 3.62
C ILE A 31 6.01 -11.07 3.99
N ASN A 32 6.20 -11.92 2.99
CA ASN A 32 6.83 -13.23 3.12
C ASN A 32 7.34 -13.63 1.74
N GLU A 33 8.20 -14.63 1.67
CA GLU A 33 8.76 -15.11 0.39
C GLU A 33 7.69 -15.49 -0.65
N GLU A 34 6.47 -15.77 -0.21
CA GLU A 34 5.40 -16.13 -1.16
C GLU A 34 4.05 -15.44 -0.92
N TRP A 35 4.04 -14.35 -0.16
CA TRP A 35 2.79 -13.62 0.12
C TRP A 35 2.94 -12.12 -0.06
N VAL A 36 1.94 -11.52 -0.70
CA VAL A 36 1.88 -10.08 -0.93
C VAL A 36 0.60 -9.51 -0.33
N LEU A 37 0.72 -8.36 0.32
CA LEU A 37 -0.43 -7.65 0.87
C LEU A 37 -0.70 -6.37 0.08
N THR A 38 -1.96 -6.16 -0.27
CA THR A 38 -2.36 -4.98 -1.05
C THR A 38 -3.77 -4.52 -0.63
N ALA A 39 -4.32 -3.54 -1.33
CA ALA A 39 -5.69 -3.10 -1.09
C ALA A 39 -6.66 -3.98 -1.87
N ALA A 40 -7.83 -4.23 -1.29
CA ALA A 40 -8.88 -4.99 -1.96
C ALA A 40 -9.33 -4.31 -3.27
N HIS A 41 -9.28 -2.98 -3.29
CA HIS A 41 -9.71 -2.25 -4.49
C HIS A 41 -8.71 -2.35 -5.65
N CYS A 42 -7.57 -2.99 -5.39
CA CYS A 42 -6.57 -3.27 -6.43
C CYS A 42 -6.85 -4.58 -7.18
N ASP A 43 -7.87 -5.32 -6.74
CA ASP A 43 -8.22 -6.57 -7.41
C ASP A 43 -8.57 -6.32 -8.87
N ASN A 44 -8.15 -7.24 -9.73
CA ASN A 44 -8.30 -7.10 -11.16
C ASN A 44 -8.30 -8.48 -11.81
N THR A 45 -8.54 -8.52 -13.12
CA THR A 45 -8.42 -9.74 -13.91
C THR A 45 -7.20 -9.61 -14.80
N ASN A 46 -6.64 -10.75 -15.21
CA ASN A 46 -5.57 -10.78 -16.21
C ASN A 46 -4.36 -9.91 -15.82
N PHE A 47 -3.93 -10.04 -14.55
CA PHE A 47 -2.81 -9.26 -14.04
C PHE A 47 -1.69 -10.11 -13.47
N GLN A 48 -0.49 -9.52 -13.40
CA GLN A 48 0.66 -10.16 -12.78
C GLN A 48 1.33 -9.18 -11.83
N MET A 49 2.33 -9.67 -11.09
CA MET A 49 3.06 -8.85 -10.13
C MET A 49 4.55 -8.85 -10.48
N LYS A 50 5.16 -7.67 -10.40
CA LYS A 50 6.59 -7.52 -10.60
C LYS A 50 7.27 -7.16 -9.29
N LEU A 51 8.33 -7.91 -8.97
CA LEU A 51 9.09 -7.70 -7.74
C LEU A 51 10.53 -7.38 -8.09
N GLY A 52 11.14 -6.48 -7.30
CA GLY A 52 12.52 -6.06 -7.55
C GLY A 52 12.66 -5.06 -8.67
N VAL A 53 11.57 -4.38 -9.01
CA VAL A 53 11.55 -3.36 -10.05
C VAL A 53 11.95 -2.01 -9.48
N HIS A 54 12.81 -1.30 -10.20
CA HIS A 54 13.08 0.09 -9.91
C HIS A 54 12.58 0.91 -11.10
N SER A 55 13.33 0.88 -12.19
CA SER A 55 12.93 1.57 -13.43
C SER A 55 12.02 0.69 -14.28
N LYS A 56 10.97 1.31 -14.83
CA LYS A 56 10.06 0.65 -15.76
C LYS A 56 10.73 0.38 -17.12
N LYS A 57 11.64 1.27 -17.50
CA LYS A 57 12.28 1.22 -18.82
C LYS A 57 13.55 0.37 -18.85
N VAL A 58 14.37 0.49 -17.80
CA VAL A 58 15.61 -0.27 -17.69
C VAL A 58 15.44 -1.38 -16.66
N LEU A 59 15.40 -2.62 -17.14
CA LEU A 59 15.18 -3.78 -16.29
C LEU A 59 16.35 -4.05 -15.35
N ASN A 60 16.05 -4.37 -14.11
CA ASN A 60 17.02 -5.02 -13.25
C ASN A 60 17.16 -6.45 -13.74
N GLU A 61 18.40 -6.91 -13.89
CA GLU A 61 18.67 -8.22 -14.49
C GLU A 61 18.04 -9.39 -13.73
N ASP A 62 17.65 -9.13 -12.48
CA ASP A 62 17.11 -10.17 -11.61
C ASP A 62 15.69 -9.87 -11.09
N GLU A 63 14.99 -8.95 -11.76
CA GLU A 63 13.61 -8.67 -11.36
C GLU A 63 12.68 -9.82 -11.73
N GLN A 64 11.67 -10.02 -10.89
CA GLN A 64 10.85 -11.22 -10.94
C GLN A 64 9.40 -10.92 -11.26
N THR A 65 8.78 -11.79 -12.03
CA THR A 65 7.34 -11.72 -12.32
C THR A 65 6.67 -12.93 -11.69
N ARG A 66 5.55 -12.71 -11.02
CA ARG A 66 4.79 -13.78 -10.40
C ARG A 66 3.30 -13.65 -10.69
N ASN A 67 2.60 -14.79 -10.65
CA ASN A 67 1.16 -14.84 -10.84
C ASN A 67 0.43 -14.91 -9.49
N PRO A 68 -0.80 -14.35 -9.42
CA PRO A 68 -1.62 -14.52 -8.22
C PRO A 68 -2.26 -15.91 -8.18
N LYS A 69 -1.66 -16.81 -7.40
CA LYS A 69 -2.13 -18.19 -7.31
C LYS A 69 -3.44 -18.28 -6.51
N GLU A 70 -3.49 -17.58 -5.38
CA GLU A 70 -4.69 -17.50 -4.56
C GLU A 70 -4.88 -16.07 -4.07
N LYS A 71 -6.14 -15.62 -4.01
CA LYS A 71 -6.47 -14.29 -3.51
C LYS A 71 -7.45 -14.38 -2.36
N PHE A 72 -7.18 -13.63 -1.29
CA PHE A 72 -8.02 -13.65 -0.10
C PHE A 72 -8.47 -12.25 0.29
N ILE A 73 -9.78 -12.06 0.39
CA ILE A 73 -10.36 -10.86 0.98
C ILE A 73 -11.18 -11.27 2.20
N CYS A 74 -11.48 -10.31 3.07
CA CYS A 74 -12.27 -10.58 4.27
C CYS A 74 -13.63 -11.17 3.91
N PRO A 75 -13.99 -12.31 4.52
CA PRO A 75 -15.30 -12.93 4.25
C PRO A 75 -16.46 -12.05 4.69
N ASN A 76 -16.21 -11.21 5.70
CA ASN A 76 -17.23 -10.29 6.22
C ASN A 76 -17.07 -8.86 5.69
N LYS A 77 -16.42 -8.71 4.54
CA LYS A 77 -16.34 -7.42 3.86
C LYS A 77 -17.65 -7.11 3.15
N LYS A 78 -18.13 -5.88 3.31
CA LYS A 78 -19.29 -5.42 2.58
C LYS A 78 -18.87 -4.90 1.20
N ASN A 79 -19.43 -5.49 0.15
CA ASN A 79 -19.30 -4.95 -1.19
C ASN A 79 -20.12 -3.67 -1.30
N ASP A 80 -19.76 -2.81 -2.24
CA ASP A 80 -20.36 -1.47 -2.40
C ASP A 80 -19.80 -0.45 -1.40
N GLU A 81 -19.07 -0.93 -0.39
CA GLU A 81 -18.33 -0.06 0.52
C GLU A 81 -16.83 -0.27 0.33
N VAL A 82 -16.23 0.61 -0.49
CA VAL A 82 -14.81 0.51 -0.84
C VAL A 82 -13.89 0.72 0.37
N LEU A 83 -14.36 1.49 1.35
CA LEU A 83 -13.58 1.78 2.55
C LEU A 83 -13.71 0.73 3.65
N ASP A 84 -14.63 -0.22 3.48
CA ASP A 84 -14.77 -1.32 4.44
C ASP A 84 -13.74 -2.40 4.14
N LYS A 85 -12.86 -2.65 5.12
CA LYS A 85 -11.86 -3.73 5.04
C LYS A 85 -11.12 -3.75 3.70
N ASP A 86 -10.49 -2.64 3.36
CA ASP A 86 -9.78 -2.51 2.09
C ASP A 86 -8.40 -3.17 2.18
N ILE A 87 -8.40 -4.50 2.11
CA ILE A 87 -7.20 -5.30 2.28
C ILE A 87 -7.37 -6.60 1.51
N MET A 88 -6.28 -7.05 0.88
CA MET A 88 -6.27 -8.28 0.12
C MET A 88 -4.91 -8.96 0.25
N LEU A 89 -4.95 -10.27 0.50
CA LEU A 89 -3.75 -11.07 0.65
C LEU A 89 -3.62 -12.00 -0.56
N ILE A 90 -2.44 -12.02 -1.17
CA ILE A 90 -2.21 -12.79 -2.38
C ILE A 90 -1.05 -13.77 -2.20
N LYS A 91 -1.28 -15.04 -2.51
CA LYS A 91 -0.22 -16.04 -2.54
C LYS A 91 0.41 -16.07 -3.94
N LEU A 92 1.73 -15.96 -3.99
CA LEU A 92 2.47 -16.04 -5.25
C LEU A 92 2.53 -17.48 -5.75
N ASP A 93 2.60 -17.66 -7.07
CA ASP A 93 2.64 -19.01 -7.64
C ASP A 93 3.98 -19.73 -7.43
N SER A 94 5.03 -18.95 -7.15
CA SER A 94 6.30 -19.49 -6.68
C SER A 94 6.99 -18.46 -5.79
N ARG A 95 7.83 -18.95 -4.86
CA ARG A 95 8.55 -18.08 -3.94
C ARG A 95 9.54 -17.16 -4.65
N VAL A 96 9.85 -16.04 -4.01
CA VAL A 96 10.92 -15.16 -4.49
C VAL A 96 12.11 -15.25 -3.55
N SER A 97 13.31 -15.20 -4.12
CA SER A 97 14.55 -15.21 -3.36
C SER A 97 14.93 -13.79 -2.94
N ASN A 98 15.62 -13.68 -1.80
CA ASN A 98 16.09 -12.40 -1.31
C ASN A 98 17.20 -11.81 -2.17
N SER A 99 17.17 -10.50 -2.33
CA SER A 99 18.25 -9.77 -3.00
C SER A 99 18.22 -8.31 -2.53
N GLU A 100 19.18 -7.52 -2.99
CA GLU A 100 19.21 -6.09 -2.72
C GLU A 100 18.00 -5.35 -3.31
N HIS A 101 17.18 -6.06 -4.09
CA HIS A 101 15.96 -5.48 -4.67
C HIS A 101 14.67 -6.08 -4.13
N ILE A 102 14.79 -7.23 -3.45
CA ILE A 102 13.62 -7.97 -2.97
C ILE A 102 13.87 -8.52 -1.57
N VAL A 103 13.13 -8.00 -0.59
CA VAL A 103 13.15 -8.55 0.77
C VAL A 103 11.78 -8.29 1.41
N PRO A 104 11.24 -9.30 2.13
CA PRO A 104 9.94 -9.09 2.78
C PRO A 104 10.01 -8.10 3.95
N LEU A 105 8.89 -7.43 4.19
CA LEU A 105 8.72 -6.55 5.33
C LEU A 105 7.73 -7.21 6.28
N SER A 106 8.10 -7.30 7.56
CA SER A 106 7.30 -8.01 8.55
C SER A 106 6.05 -7.25 8.98
N LEU A 107 5.06 -7.99 9.48
CA LEU A 107 3.87 -7.40 10.08
C LEU A 107 4.23 -6.67 11.37
N PRO A 108 3.50 -5.58 11.71
CA PRO A 108 3.83 -4.78 12.88
C PRO A 108 3.50 -5.49 14.20
N SER A 109 4.29 -5.22 15.24
CA SER A 109 4.08 -5.80 16.57
C SER A 109 3.14 -4.95 17.42
N SER A 110 3.02 -3.68 17.06
CA SER A 110 2.15 -2.72 17.75
C SER A 110 1.70 -1.64 16.77
N PRO A 111 0.53 -1.01 17.02
CA PRO A 111 0.07 0.09 16.18
C PRO A 111 0.94 1.33 16.33
N PRO A 112 0.94 2.24 15.33
CA PRO A 112 1.82 3.40 15.42
C PRO A 112 1.25 4.49 16.33
N SER A 113 2.13 5.36 16.82
CA SER A 113 1.72 6.49 17.64
C SER A 113 1.52 7.72 16.77
N VAL A 114 0.52 8.53 17.12
CA VAL A 114 0.28 9.81 16.47
C VAL A 114 1.53 10.69 16.58
N GLY A 115 1.94 11.28 15.46
CA GLY A 115 3.14 12.11 15.42
C GLY A 115 4.37 11.42 14.86
N SER A 116 4.28 10.11 14.63
N SER A 116 4.27 10.12 14.62
CA SER A 116 5.38 9.35 14.06
CA SER A 116 5.36 9.33 14.04
C SER A 116 5.62 9.72 12.61
C SER A 116 5.62 9.76 12.60
N VAL A 117 6.86 9.60 12.17
CA VAL A 117 7.26 9.91 10.79
C VAL A 117 7.08 8.65 9.95
N CYS A 118 6.34 8.78 8.85
CA CYS A 118 6.05 7.65 7.98
C CYS A 118 6.54 7.86 6.54
N HIS A 119 6.84 6.74 5.90
CA HIS A 119 7.47 6.68 4.59
C HIS A 119 6.41 6.17 3.61
N ILE A 120 6.20 6.92 2.52
CA ILE A 120 5.32 6.48 1.43
C ILE A 120 6.11 6.37 0.13
N MET A 121 5.64 5.53 -0.78
CA MET A 121 6.36 5.21 -2.01
C MET A 121 5.44 4.61 -3.05
N GLY A 122 5.72 4.85 -4.32
CA GLY A 122 4.95 4.25 -5.40
C GLY A 122 5.26 4.84 -6.76
N TRP A 123 4.65 4.23 -7.78
CA TRP A 123 4.79 4.70 -9.17
C TRP A 123 3.58 5.54 -9.60
N GLY A 124 2.81 6.03 -8.63
CA GLY A 124 1.66 6.89 -8.91
C GLY A 124 2.08 8.28 -9.38
N SER A 125 1.09 9.10 -9.68
CA SER A 125 1.35 10.43 -10.25
C SER A 125 2.22 11.28 -9.34
N ILE A 126 3.17 11.98 -9.96
CA ILE A 126 4.08 12.88 -9.24
C ILE A 126 3.69 14.35 -9.41
N THR A 127 2.58 14.57 -10.11
CA THR A 127 1.97 15.90 -10.22
C THR A 127 0.56 15.85 -9.64
N PRO A 128 0.13 16.91 -8.93
CA PRO A 128 -1.13 16.84 -8.17
C PRO A 128 -2.41 16.88 -8.98
N ILE A 129 -2.37 17.44 -10.19
CA ILE A 129 -3.57 17.57 -11.03
C ILE A 129 -3.49 16.67 -12.27
N LYS A 130 -2.56 17.00 -13.17
CA LYS A 130 -2.30 16.16 -14.33
C LYS A 130 -1.73 14.83 -13.88
N VAL A 131 -2.00 13.78 -14.64
CA VAL A 131 -1.45 12.46 -14.34
C VAL A 131 -0.08 12.35 -15.01
N THR A 132 0.96 12.28 -14.19
CA THR A 132 2.34 12.12 -14.68
C THR A 132 2.99 10.93 -13.98
N TYR A 133 3.06 9.81 -14.68
CA TYR A 133 3.64 8.59 -14.12
C TYR A 133 5.16 8.59 -14.29
N PRO A 134 5.89 8.41 -13.17
CA PRO A 134 7.34 8.36 -13.23
C PRO A 134 7.85 6.98 -13.67
N ASP A 135 9.09 6.96 -14.15
N ASP A 135 9.09 6.94 -14.16
CA ASP A 135 9.76 5.73 -14.57
CA ASP A 135 9.72 5.68 -14.55
C ASP A 135 10.23 4.92 -13.35
C ASP A 135 10.24 4.91 -13.34
N VAL A 136 10.63 5.65 -12.30
CA VAL A 136 11.09 5.06 -11.04
C VAL A 136 10.11 5.45 -9.94
N PRO A 137 10.07 4.68 -8.82
CA PRO A 137 9.13 5.10 -7.79
C PRO A 137 9.62 6.34 -7.06
N TYR A 138 8.66 7.14 -6.59
CA TYR A 138 8.95 8.33 -5.79
C TYR A 138 8.63 8.06 -4.32
N CYS A 139 9.38 8.74 -3.45
CA CYS A 139 9.35 8.52 -2.01
C CYS A 139 9.14 9.84 -1.28
N ALA A 140 8.41 9.79 -0.18
CA ALA A 140 8.22 10.98 0.66
C ALA A 140 8.03 10.58 2.11
N TYR A 141 8.28 11.54 3.00
CA TYR A 141 8.03 11.35 4.42
C TYR A 141 6.89 12.24 4.89
N ILE A 142 5.94 11.64 5.58
CA ILE A 142 4.74 12.32 6.07
C ILE A 142 4.54 12.00 7.56
N ASN A 143 3.49 12.57 8.15
CA ASN A 143 3.20 12.39 9.57
C ASN A 143 1.97 11.52 9.80
N LEU A 144 2.01 10.70 10.84
CA LEU A 144 0.81 10.02 11.30
C LEU A 144 -0.02 11.05 12.05
N LEU A 145 -1.26 11.26 11.59
CA LEU A 145 -2.13 12.27 12.16
C LEU A 145 -3.23 11.65 13.01
N ASP A 146 -3.81 12.45 13.89
CA ASP A 146 -4.96 12.01 14.66
C ASP A 146 -6.11 11.69 13.71
N ASP A 147 -6.86 10.63 14.02
CA ASP A 147 -8.00 10.20 13.22
C ASP A 147 -9.04 11.31 13.02
N ALA A 148 -9.13 12.22 14.00
CA ALA A 148 -10.06 13.36 13.93
C ALA A 148 -9.82 14.26 12.72
N VAL A 149 -8.57 14.35 12.27
CA VAL A 149 -8.23 15.15 11.10
C VAL A 149 -8.90 14.59 9.83
N CYS A 150 -8.81 13.27 9.66
CA CYS A 150 -9.45 12.62 8.51
C CYS A 150 -10.97 12.65 8.63
N GLN A 151 -11.48 12.55 9.86
CA GLN A 151 -12.90 12.70 10.13
C GLN A 151 -13.43 14.06 9.71
N ALA A 152 -12.65 15.10 10.01
CA ALA A 152 -13.02 16.48 9.67
C ALA A 152 -12.96 16.75 8.17
N GLY A 153 -12.12 16.01 7.46
CA GLY A 153 -11.95 16.20 6.02
C GLY A 153 -12.84 15.36 5.14
N TYR A 154 -13.28 14.21 5.64
CA TYR A 154 -14.07 13.27 4.85
C TYR A 154 -15.40 12.91 5.53
N PRO A 155 -16.50 13.56 5.11
CA PRO A 155 -17.82 13.31 5.68
C PRO A 155 -18.29 11.86 5.56
N GLU A 156 -17.78 11.14 4.57
CA GLU A 156 -18.19 9.75 4.31
C GLU A 156 -17.40 8.71 5.12
N LEU A 157 -16.33 9.15 5.80
CA LEU A 157 -15.47 8.25 6.55
C LEU A 157 -16.07 7.87 7.90
N LEU A 158 -16.52 6.63 8.01
CA LEU A 158 -17.09 6.11 9.24
C LEU A 158 -15.98 5.75 10.23
N THR A 159 -16.25 5.95 11.52
CA THR A 159 -15.31 5.59 12.58
C THR A 159 -15.14 4.07 12.72
N GLU A 160 -16.12 3.33 12.20
CA GLU A 160 -16.12 1.87 12.22
C GLU A 160 -15.00 1.26 11.37
N TYR A 161 -14.62 1.96 10.32
CA TYR A 161 -13.54 1.51 9.44
C TYR A 161 -12.20 1.55 10.18
N ARG A 162 -11.40 0.50 10.00
CA ARG A 162 -10.12 0.38 10.69
C ARG A 162 -9.02 1.01 9.85
N THR A 163 -8.79 2.30 10.08
CA THR A 163 -7.91 3.09 9.23
C THR A 163 -6.88 3.89 10.02
N LEU A 164 -5.87 4.36 9.30
CA LEU A 164 -4.91 5.33 9.79
C LEU A 164 -5.00 6.57 8.93
N CYS A 165 -4.70 7.72 9.54
CA CYS A 165 -4.76 9.01 8.88
C CYS A 165 -3.34 9.55 8.81
N ALA A 166 -2.84 9.79 7.60
CA ALA A 166 -1.45 10.23 7.45
C ALA A 166 -1.26 11.23 6.31
N GLY A 167 -0.34 12.16 6.53
CA GLY A 167 0.00 13.18 5.55
C GLY A 167 0.61 14.39 6.23
N ILE A 168 0.34 15.56 5.65
CA ILE A 168 0.71 16.84 6.25
C ILE A 168 -0.60 17.57 6.48
N LEU A 169 -0.82 18.03 7.71
CA LEU A 169 -2.07 18.72 8.05
C LEU A 169 -2.39 19.81 7.05
N GLU A 170 -1.39 20.63 6.72
CA GLU A 170 -1.56 21.77 5.83
C GLU A 170 -1.45 21.39 4.35
N GLY A 171 -1.09 20.13 4.09
CA GLY A 171 -1.00 19.60 2.72
C GLY A 171 0.40 19.62 2.13
N GLY A 172 0.51 19.23 0.87
CA GLY A 172 1.76 19.35 0.12
C GLY A 172 2.46 18.03 -0.23
N LYS A 173 2.37 17.06 0.67
CA LYS A 173 2.96 15.74 0.45
C LYS A 173 1.87 14.70 0.66
N ASP A 174 1.73 13.78 -0.29
CA ASP A 174 0.59 12.87 -0.31
C ASP A 174 0.84 11.76 -1.30
N THR A 175 0.09 10.66 -1.16
CA THR A 175 -0.03 9.68 -2.23
C THR A 175 -0.93 10.27 -3.31
N CYS A 176 -0.94 9.65 -4.49
CA CYS A 176 -1.70 10.19 -5.61
C CYS A 176 -2.15 9.02 -6.50
N GLY A 177 -2.81 9.34 -7.62
CA GLY A 177 -3.38 8.30 -8.49
C GLY A 177 -2.33 7.28 -8.92
N GLY A 178 -2.60 6.00 -8.64
CA GLY A 178 -1.69 4.93 -9.00
C GLY A 178 -0.84 4.39 -7.85
N ASP A 179 -0.91 5.06 -6.70
CA ASP A 179 -0.17 4.62 -5.50
C ASP A 179 -0.94 3.61 -4.65
N SER A 180 -2.19 3.36 -5.03
CA SER A 180 -3.06 2.42 -4.31
C SER A 180 -2.37 1.10 -4.00
N GLY A 181 -2.57 0.61 -2.78
CA GLY A 181 -2.08 -0.71 -2.37
C GLY A 181 -0.68 -0.73 -1.78
N GLY A 182 0.04 0.38 -1.89
CA GLY A 182 1.41 0.47 -1.39
C GLY A 182 1.51 0.62 0.12
N PRO A 183 2.75 0.53 0.66
CA PRO A 183 2.97 0.56 2.10
C PRO A 183 3.09 1.95 2.71
N LEU A 184 2.60 2.07 3.94
CA LEU A 184 2.91 3.19 4.82
C LEU A 184 3.83 2.63 5.90
N ILE A 185 5.07 3.11 5.93
CA ILE A 185 6.08 2.56 6.83
C ILE A 185 6.47 3.62 7.86
N CYS A 186 6.09 3.39 9.12
CA CYS A 186 6.32 4.37 10.18
C CYS A 186 7.38 3.86 11.13
N ASN A 187 8.45 4.64 11.31
CA ASN A 187 9.60 4.25 12.12
C ASN A 187 10.14 2.86 11.74
N GLY A 188 10.16 2.58 10.43
CA GLY A 188 10.68 1.31 9.92
C GLY A 188 9.70 0.14 9.99
N GLN A 189 8.49 0.40 10.48
CA GLN A 189 7.47 -0.65 10.65
C GLN A 189 6.33 -0.49 9.64
N PHE A 190 5.94 -1.60 9.02
CA PHE A 190 4.83 -1.65 8.07
C PHE A 190 3.51 -1.46 8.80
N GLN A 191 2.88 -0.30 8.62
CA GLN A 191 1.68 0.03 9.39
C GLN A 191 0.40 0.24 8.59
N GLY A 192 0.54 0.64 7.33
CA GLY A 192 -0.64 0.96 6.52
C GLY A 192 -0.58 0.55 5.07
N ILE A 193 -1.75 0.51 4.45
CA ILE A 193 -1.90 0.25 3.02
C ILE A 193 -2.61 1.44 2.40
N VAL A 194 -2.05 2.00 1.33
CA VAL A 194 -2.66 3.13 0.63
C VAL A 194 -4.06 2.74 0.14
N SER A 195 -5.07 3.47 0.62
CA SER A 195 -6.46 3.09 0.38
C SER A 195 -7.30 4.19 -0.27
N PHE A 196 -7.26 5.39 0.32
CA PHE A 196 -8.19 6.45 -0.07
C PHE A 196 -7.57 7.83 0.12
N GLY A 197 -7.95 8.75 -0.77
CA GLY A 197 -7.46 10.12 -0.71
C GLY A 197 -8.28 11.01 -1.63
N ALA A 198 -7.81 12.24 -1.81
CA ALA A 198 -8.53 13.22 -2.61
C ALA A 198 -7.71 13.69 -3.81
N HIS A 199 -8.41 14.18 -4.82
N HIS A 199 -8.42 14.20 -4.81
CA HIS A 199 -7.79 14.77 -6.00
CA HIS A 199 -7.81 14.77 -6.00
C HIS A 199 -8.37 16.16 -6.23
C HIS A 199 -8.37 16.18 -6.23
N PRO A 200 -7.50 17.17 -6.48
CA PRO A 200 -6.03 17.11 -6.58
C PRO A 200 -5.35 16.61 -5.31
N CYS A 201 -4.21 15.95 -5.49
CA CYS A 201 -3.49 15.33 -4.39
C CYS A 201 -2.78 16.38 -3.54
N GLY A 202 -2.67 16.10 -2.24
CA GLY A 202 -1.93 16.95 -1.32
C GLY A 202 -2.64 18.20 -0.83
N GLN A 203 -3.96 18.19 -0.86
CA GLN A 203 -4.74 19.32 -0.34
C GLN A 203 -4.66 19.37 1.18
N GLY A 204 -4.68 20.58 1.72
CA GLY A 204 -4.76 20.77 3.16
C GLY A 204 -6.08 20.26 3.71
N LEU A 205 -6.02 19.66 4.90
CA LEU A 205 -7.19 19.10 5.61
C LEU A 205 -7.83 17.90 4.90
N LYS A 206 -7.15 17.36 3.89
CA LYS A 206 -7.58 16.15 3.20
C LYS A 206 -6.43 15.15 3.12
N PRO A 207 -6.07 14.54 4.25
CA PRO A 207 -4.91 13.64 4.26
C PRO A 207 -5.23 12.29 3.64
N GLY A 208 -4.22 11.43 3.56
CA GLY A 208 -4.42 10.07 3.06
C GLY A 208 -5.06 9.18 4.11
N VAL A 209 -5.89 8.26 3.64
CA VAL A 209 -6.52 7.25 4.49
C VAL A 209 -5.90 5.90 4.15
N TYR A 210 -5.43 5.20 5.19
CA TYR A 210 -4.66 3.97 5.02
C TYR A 210 -5.31 2.85 5.81
N THR A 211 -5.36 1.65 5.25
CA THR A 211 -5.83 0.48 5.99
C THR A 211 -4.88 0.19 7.14
N LYS A 212 -5.42 0.01 8.34
CA LYS A 212 -4.63 -0.24 9.54
C LYS A 212 -4.23 -1.72 9.62
N VAL A 213 -3.01 -2.01 9.17
CA VAL A 213 -2.51 -3.39 9.05
C VAL A 213 -2.54 -4.18 10.35
N PHE A 214 -2.15 -3.53 11.46
CA PHE A 214 -2.07 -4.18 12.77
C PHE A 214 -3.34 -4.94 13.13
N ASP A 215 -4.50 -4.33 12.84
CA ASP A 215 -5.79 -4.92 13.19
C ASP A 215 -6.05 -6.23 12.45
N TYR A 216 -5.37 -6.43 11.33
CA TYR A 216 -5.60 -7.60 10.49
C TYR A 216 -4.53 -8.68 10.65
N ASN A 217 -3.60 -8.46 11.59
CA ASN A 217 -2.50 -9.42 11.83
C ASN A 217 -2.95 -10.86 12.06
N HIS A 218 -3.96 -11.06 12.89
N HIS A 218 -3.96 -11.06 12.89
CA HIS A 218 -4.45 -12.40 13.21
CA HIS A 218 -4.42 -12.42 13.20
C HIS A 218 -5.10 -13.09 12.01
C HIS A 218 -5.06 -13.09 11.99
N TRP A 219 -5.80 -12.31 11.19
CA TRP A 219 -6.41 -12.83 9.97
C TRP A 219 -5.36 -13.25 8.97
N ILE A 220 -4.38 -12.38 8.73
CA ILE A 220 -3.25 -12.66 7.83
C ILE A 220 -2.49 -13.91 8.25
N GLN A 221 -2.13 -13.97 9.55
CA GLN A 221 -1.38 -15.09 10.10
C GLN A 221 -2.14 -16.42 9.99
N SER A 222 -3.46 -16.35 10.20
CA SER A 222 -4.31 -17.54 10.11
C SER A 222 -4.35 -18.13 8.70
N ILE A 223 -4.44 -17.26 7.69
CA ILE A 223 -4.47 -17.70 6.29
C ILE A 223 -3.15 -18.34 5.86
N ILE A 224 -2.04 -17.68 6.22
CA ILE A 224 -0.70 -18.21 5.92
C ILE A 224 -0.50 -19.58 6.58
N ALA A 225 -1.03 -19.74 7.78
CA ALA A 225 -0.97 -21.01 8.52
C ALA A 225 -1.81 -22.12 7.88
N GLY A 226 -2.82 -21.74 7.11
CA GLY A 226 -3.66 -22.70 6.39
C GLY A 226 -5.16 -22.60 6.65
N ASN A 227 -5.55 -21.78 7.63
CA ASN A 227 -6.96 -21.57 7.93
C ASN A 227 -7.59 -20.56 6.98
N THR A 228 -8.11 -21.06 5.87
CA THR A 228 -8.66 -20.23 4.80
C THR A 228 -10.05 -19.65 5.11
N THR A 229 -10.69 -20.19 6.14
CA THR A 229 -12.02 -19.73 6.55
C THR A 229 -11.96 -18.67 7.67
N VAL A 230 -10.77 -18.11 7.89
CA VAL A 230 -10.55 -17.11 8.94
C VAL A 230 -11.32 -15.83 8.67
N THR A 231 -11.86 -15.25 9.74
CA THR A 231 -12.63 -14.02 9.64
C THR A 231 -11.81 -12.79 10.05
N CYS A 232 -12.18 -11.64 9.50
CA CYS A 232 -11.56 -10.37 9.86
C CYS A 232 -12.28 -9.76 11.06
N PRO A 233 -11.61 -8.85 11.80
CA PRO A 233 -12.31 -8.19 12.90
C PRO A 233 -13.45 -7.32 12.38
N GLN A 234 -14.56 -7.30 13.11
CA GLN A 234 -15.77 -6.58 12.70
C GLN A 234 -15.55 -5.07 12.58
#